data_6ZJO
#
_entry.id   6ZJO
#
_cell.length_a   54.671
_cell.length_b   93.566
_cell.length_c   68.177
_cell.angle_alpha   90.000
_cell.angle_beta   90.710
_cell.angle_gamma   90.000
#
_symmetry.space_group_name_H-M   'P 1 21 1'
#
loop_
_entity.id
_entity.type
_entity.pdbx_description
1 polymer 'Small ribosomal subunit biogenesis GTPase RsgA'
2 non-polymer 'ZINC ION'
3 non-polymer 1,2-ETHANEDIOL
4 non-polymer 'PHOSPHATE ION'
5 water water
#
_entity_poly.entity_id   1
_entity_poly.type   'polypeptide(L)'
_entity_poly.pdbx_seq_one_letter_code
;MGSSHHHHHHSSGLVPRGSHMKTGRIVKSISGVYQVDVNGERFNTKPRGLFRKKKFSPVVGDIVEFEVQNINEGYIHQVF
ERENELKRPPVSNIDTLVIVMSAVEPNFSTQLLDRFLVIAHSYQLNARILVTKKDKTPIEKQFEINELLKIYENIGYETE
FIGNDDDRKKIVEAWPAGLIVLSGQSGVGKSTFLNHYRPELNLETNDISKSLNRGKHTTRHVELFERQNGYIADTPGFSA
LDFDHIDKDEIKDYFLELNRYGETCKFRNCNHIKEPNCNVKHQLEIGNIAQFRYDHYLQLFNEISNRKVRY
;
_entity_poly.pdbx_strand_id   A,B
#
loop_
_chem_comp.id
_chem_comp.type
_chem_comp.name
_chem_comp.formula
EDO non-polymer 1,2-ETHANEDIOL 'C2 H6 O2'
PO4 non-polymer 'PHOSPHATE ION' 'O4 P -3'
ZN non-polymer 'ZINC ION' 'Zn 2'
#
# COMPACT_ATOMS: atom_id res chain seq x y z
N MET A 21 14.18 -23.95 2.95
CA MET A 21 14.04 -22.81 2.00
C MET A 21 14.50 -21.51 2.65
N LYS A 22 15.19 -20.66 1.88
CA LYS A 22 15.62 -19.29 2.31
C LYS A 22 15.30 -18.28 1.20
N THR A 23 15.14 -17.02 1.58
CA THR A 23 14.81 -15.90 0.67
C THR A 23 15.88 -14.82 0.82
N GLY A 24 16.38 -14.34 -0.30
CA GLY A 24 17.28 -13.17 -0.30
C GLY A 24 17.45 -12.58 -1.67
N ARG A 25 18.33 -11.60 -1.75
CA ARG A 25 18.59 -10.79 -2.95
C ARG A 25 19.81 -11.35 -3.65
N ILE A 26 19.75 -11.48 -4.97
CA ILE A 26 20.93 -11.76 -5.81
C ILE A 26 21.83 -10.50 -5.85
N VAL A 27 23.08 -10.64 -5.43
CA VAL A 27 24.06 -9.54 -5.29
C VAL A 27 25.13 -9.70 -6.37
N LYS A 28 25.23 -10.88 -6.97
CA LYS A 28 26.35 -11.17 -7.90
C LYS A 28 25.94 -12.31 -8.82
N SER A 29 26.24 -12.17 -10.11
CA SER A 29 25.91 -13.11 -11.22
C SER A 29 27.21 -13.41 -11.95
N ILE A 30 27.51 -14.67 -12.21
CA ILE A 30 28.74 -15.08 -12.95
C ILE A 30 28.52 -16.51 -13.44
N SER A 31 28.42 -16.70 -14.76
CA SER A 31 28.38 -18.02 -15.42
C SER A 31 27.23 -18.85 -14.86
N GLY A 32 26.08 -18.22 -14.61
CA GLY A 32 24.86 -18.93 -14.20
C GLY A 32 24.92 -19.42 -12.76
N VAL A 33 25.85 -18.92 -11.94
CA VAL A 33 25.81 -19.09 -10.45
C VAL A 33 25.38 -17.75 -9.85
N TYR A 34 24.31 -17.75 -9.08
CA TYR A 34 23.71 -16.51 -8.54
C TYR A 34 24.00 -16.49 -7.04
N GLN A 35 24.67 -15.43 -6.57
CA GLN A 35 25.02 -15.30 -5.13
C GLN A 35 23.89 -14.51 -4.42
N VAL A 36 23.14 -15.21 -3.57
CA VAL A 36 22.00 -14.66 -2.82
C VAL A 36 22.51 -14.30 -1.45
N ASP A 37 22.27 -13.08 -1.00
CA ASP A 37 22.56 -12.64 0.38
C ASP A 37 21.31 -12.92 1.21
N VAL A 38 21.46 -13.66 2.31
CA VAL A 38 20.41 -13.92 3.33
C VAL A 38 20.97 -13.49 4.70
N ASN A 39 20.53 -12.34 5.22
CA ASN A 39 20.91 -11.79 6.54
C ASN A 39 22.44 -11.67 6.62
N GLY A 40 23.12 -11.38 5.51
CA GLY A 40 24.57 -11.14 5.47
C GLY A 40 25.36 -12.40 5.17
N GLU A 41 24.69 -13.52 4.93
CA GLU A 41 25.36 -14.81 4.61
C GLU A 41 25.18 -15.08 3.11
N ARG A 42 26.25 -15.43 2.42
CA ARG A 42 26.24 -15.66 0.96
C ARG A 42 25.98 -17.14 0.64
N PHE A 43 25.08 -17.40 -0.31
CA PHE A 43 24.79 -18.76 -0.86
C PHE A 43 24.97 -18.75 -2.37
N ASN A 44 25.82 -19.65 -2.86
CA ASN A 44 26.07 -19.80 -4.31
C ASN A 44 24.97 -20.71 -4.86
N THR A 45 23.98 -20.14 -5.54
CA THR A 45 22.78 -20.88 -5.97
C THR A 45 22.80 -21.03 -7.48
N LYS A 46 22.10 -22.05 -7.97
CA LYS A 46 21.81 -22.20 -9.42
C LYS A 46 20.31 -22.40 -9.62
N PRO A 47 19.85 -22.19 -10.86
CA PRO A 47 18.53 -22.67 -11.28
C PRO A 47 18.38 -24.18 -11.07
N ARG A 48 17.21 -24.62 -10.61
CA ARG A 48 16.75 -26.04 -10.61
C ARG A 48 16.78 -26.57 -12.04
N GLY A 49 16.83 -27.90 -12.15
CA GLY A 49 17.13 -28.66 -13.39
C GLY A 49 16.27 -28.27 -14.58
N LEU A 50 14.99 -27.97 -14.37
CA LEU A 50 14.02 -27.86 -15.50
C LEU A 50 14.22 -26.58 -16.32
N PHE A 51 14.72 -25.48 -15.71
CA PHE A 51 14.51 -24.09 -16.20
C PHE A 51 15.52 -23.66 -17.28
N ARG A 52 14.99 -23.36 -18.48
CA ARG A 52 15.61 -22.55 -19.56
C ARG A 52 14.46 -21.86 -20.32
N LYS A 53 14.44 -20.52 -20.40
CA LYS A 53 13.30 -19.77 -21.00
C LYS A 53 13.62 -18.27 -21.23
N LYS A 54 12.66 -17.55 -21.84
CA LYS A 54 12.57 -16.06 -21.92
C LYS A 54 12.31 -15.46 -20.53
N LYS A 55 11.66 -16.22 -19.65
CA LYS A 55 11.41 -15.77 -18.29
C LYS A 55 12.39 -16.48 -17.35
N PHE A 56 13.49 -16.99 -17.91
CA PHE A 56 14.50 -17.70 -17.14
C PHE A 56 15.89 -17.08 -17.30
N SER A 57 16.12 -16.00 -16.57
CA SER A 57 17.39 -15.28 -16.58
C SER A 57 17.35 -14.35 -15.37
N PRO A 58 17.95 -14.78 -14.26
CA PRO A 58 17.87 -13.95 -13.06
C PRO A 58 18.81 -12.80 -13.18
N VAL A 59 18.52 -11.74 -12.47
CA VAL A 59 19.43 -10.57 -12.49
C VAL A 59 19.79 -10.20 -11.05
N VAL A 60 20.90 -9.49 -10.94
CA VAL A 60 21.31 -8.81 -9.69
C VAL A 60 20.14 -7.90 -9.27
N GLY A 61 19.76 -7.95 -7.99
CA GLY A 61 18.57 -7.28 -7.46
C GLY A 61 17.39 -8.23 -7.25
N ASP A 62 17.31 -9.34 -8.00
CA ASP A 62 16.19 -10.29 -7.89
C ASP A 62 16.09 -10.78 -6.46
N ILE A 63 14.86 -10.86 -5.97
CA ILE A 63 14.54 -11.58 -4.72
C ILE A 63 14.12 -13.00 -5.16
N VAL A 64 14.86 -13.99 -4.65
CA VAL A 64 14.61 -15.44 -4.94
C VAL A 64 14.33 -16.18 -3.66
N GLU A 65 13.57 -17.27 -3.81
CA GLU A 65 13.37 -18.32 -2.80
C GLU A 65 14.19 -19.51 -3.30
N PHE A 66 15.07 -20.03 -2.46
CA PHE A 66 16.03 -21.12 -2.84
C PHE A 66 16.01 -22.18 -1.75
N GLU A 67 16.34 -23.41 -2.14
CA GLU A 67 16.54 -24.54 -1.21
C GLU A 67 18.05 -24.64 -0.91
N VAL A 68 18.44 -24.60 0.38
CA VAL A 68 19.87 -24.72 0.80
C VAL A 68 20.40 -26.11 0.43
N GLN A 69 21.57 -26.19 -0.17
CA GLN A 69 22.32 -27.45 -0.40
C GLN A 69 23.77 -27.19 -0.02
N ASN A 70 24.44 -28.21 0.52
CA ASN A 70 25.91 -28.20 0.77
C ASN A 70 26.32 -26.95 1.57
N ILE A 71 25.56 -26.60 2.61
CA ILE A 71 25.89 -25.51 3.59
C ILE A 71 25.64 -24.14 2.96
N ASN A 72 26.35 -23.79 1.91
CA ASN A 72 26.29 -22.41 1.34
C ASN A 72 26.06 -22.47 -0.18
N GLU A 73 25.34 -23.48 -0.64
CA GLU A 73 24.90 -23.62 -2.05
C GLU A 73 23.39 -23.68 -2.04
N GLY A 74 22.77 -23.84 -3.19
CA GLY A 74 21.30 -23.83 -3.22
C GLY A 74 20.74 -23.86 -4.62
N TYR A 75 19.46 -24.18 -4.70
CA TYR A 75 18.76 -24.28 -5.94
C TYR A 75 17.54 -23.39 -5.90
N ILE A 76 17.54 -22.44 -6.81
CA ILE A 76 16.51 -21.36 -6.91
C ILE A 76 15.18 -22.00 -7.28
N HIS A 77 14.15 -21.90 -6.42
CA HIS A 77 12.77 -22.41 -6.69
C HIS A 77 11.97 -21.36 -7.47
N GLN A 78 11.87 -20.12 -6.95
CA GLN A 78 11.25 -19.01 -7.70
C GLN A 78 12.06 -17.71 -7.56
N VAL A 79 12.02 -16.95 -8.66
CA VAL A 79 12.31 -15.49 -8.74
C VAL A 79 10.98 -14.75 -8.57
N PHE A 80 10.87 -13.93 -7.53
CA PHE A 80 9.66 -13.12 -7.31
C PHE A 80 9.55 -12.10 -8.44
N GLU A 81 8.31 -11.81 -8.86
CA GLU A 81 8.06 -10.85 -9.96
C GLU A 81 8.64 -9.49 -9.56
N ARG A 82 9.48 -8.95 -10.42
CA ARG A 82 10.23 -7.68 -10.17
C ARG A 82 9.25 -6.50 -10.08
N GLU A 83 9.29 -5.73 -8.98
CA GLU A 83 8.61 -4.41 -8.89
C GLU A 83 9.12 -3.46 -9.97
N ASN A 84 10.39 -3.56 -10.34
CA ASN A 84 11.01 -2.67 -11.35
C ASN A 84 12.30 -3.30 -11.88
N GLU A 85 12.90 -2.73 -12.91
CA GLU A 85 14.24 -3.16 -13.38
C GLU A 85 14.76 -2.17 -14.42
N LEU A 86 16.07 -2.20 -14.61
CA LEU A 86 16.79 -1.54 -15.70
C LEU A 86 17.46 -2.64 -16.52
N LYS A 87 17.69 -2.38 -17.81
CA LYS A 87 18.38 -3.30 -18.75
C LYS A 87 19.87 -2.96 -18.78
N ARG A 88 20.24 -1.70 -18.60
CA ARG A 88 21.64 -1.23 -18.56
C ARG A 88 21.83 -0.36 -17.32
N PRO A 89 22.54 -0.83 -16.27
CA PRO A 89 22.96 -2.22 -16.17
C PRO A 89 21.73 -3.08 -15.86
N PRO A 90 21.81 -4.42 -16.05
CA PRO A 90 20.70 -5.30 -15.69
C PRO A 90 20.60 -5.40 -14.16
N VAL A 91 19.64 -4.68 -13.57
CA VAL A 91 19.43 -4.66 -12.09
C VAL A 91 17.92 -4.52 -11.81
N SER A 92 17.38 -5.30 -10.86
CA SER A 92 15.94 -5.28 -10.50
C SER A 92 15.75 -4.84 -9.04
N ASN A 93 14.52 -4.45 -8.74
CA ASN A 93 14.02 -4.23 -7.36
C ASN A 93 14.80 -3.10 -6.72
N ILE A 94 14.91 -1.97 -7.42
CA ILE A 94 15.58 -0.76 -6.93
C ILE A 94 14.60 -0.04 -6.01
N ASP A 95 15.02 0.27 -4.78
CA ASP A 95 14.23 0.93 -3.74
C ASP A 95 14.34 2.45 -3.90
N THR A 96 15.52 2.96 -4.26
CA THR A 96 15.75 4.43 -4.42
C THR A 96 16.74 4.68 -5.53
N LEU A 97 16.34 5.40 -6.58
CA LEU A 97 17.30 5.95 -7.55
C LEU A 97 17.78 7.29 -6.99
N VAL A 98 19.07 7.40 -6.69
CA VAL A 98 19.67 8.74 -6.34
C VAL A 98 20.11 9.39 -7.65
N ILE A 99 19.46 10.49 -7.99
CA ILE A 99 19.81 11.33 -9.15
C ILE A 99 20.87 12.30 -8.64
N VAL A 100 22.05 12.17 -9.21
CA VAL A 100 23.25 12.93 -8.78
C VAL A 100 23.48 14.06 -9.78
N MET A 101 23.41 15.29 -9.29
CA MET A 101 23.62 16.53 -10.09
C MET A 101 24.76 17.30 -9.42
N SER A 102 25.67 17.82 -10.22
CA SER A 102 26.69 18.79 -9.78
C SER A 102 26.08 20.19 -9.74
N ALA A 103 26.45 21.00 -8.76
CA ALA A 103 26.11 22.44 -8.63
C ALA A 103 26.83 23.28 -9.70
N VAL A 104 28.03 22.89 -10.08
CA VAL A 104 28.89 23.56 -11.12
C VAL A 104 29.65 22.47 -11.87
N GLU A 105 30.22 22.81 -13.02
CA GLU A 105 31.02 21.88 -13.87
C GLU A 105 30.29 20.56 -14.07
N PRO A 106 29.14 20.51 -14.79
CA PRO A 106 28.41 21.71 -15.24
C PRO A 106 27.41 22.30 -14.23
N ASN A 107 26.89 23.48 -14.54
CA ASN A 107 25.89 24.21 -13.74
C ASN A 107 24.67 23.34 -13.45
N PHE A 108 24.12 23.46 -12.24
CA PHE A 108 22.85 22.81 -11.83
C PHE A 108 21.80 23.21 -12.86
N SER A 109 21.09 22.22 -13.40
CA SER A 109 20.01 22.41 -14.40
C SER A 109 18.69 21.74 -13.93
N THR A 110 17.65 22.53 -13.59
CA THR A 110 16.28 22.03 -13.36
C THR A 110 15.71 21.39 -14.63
N GLN A 111 16.12 21.83 -15.82
CA GLN A 111 15.65 21.18 -17.05
C GLN A 111 16.13 19.72 -17.06
N LEU A 112 17.41 19.50 -16.79
CA LEU A 112 18.01 18.14 -16.77
C LEU A 112 17.39 17.33 -15.63
N LEU A 113 17.30 17.92 -14.44
CA LEU A 113 16.83 17.20 -13.24
C LEU A 113 15.38 16.75 -13.48
N ASP A 114 14.52 17.67 -13.91
CA ASP A 114 13.12 17.34 -14.32
C ASP A 114 13.13 16.19 -15.34
N ARG A 115 13.97 16.22 -16.37
CA ARG A 115 14.05 15.09 -17.35
C ARG A 115 14.32 13.79 -16.61
N PHE A 116 15.32 13.78 -15.71
CA PHE A 116 15.81 12.55 -15.02
C PHE A 116 14.72 11.99 -14.13
N LEU A 117 14.06 12.87 -13.39
CA LEU A 117 12.94 12.46 -12.51
C LEU A 117 11.87 11.78 -13.35
N VAL A 118 11.50 12.38 -14.50
CA VAL A 118 10.49 11.84 -15.43
C VAL A 118 10.92 10.42 -15.86
N ILE A 119 12.18 10.22 -16.24
CA ILE A 119 12.68 8.89 -16.69
C ILE A 119 12.65 7.92 -15.49
N ALA A 120 13.15 8.31 -14.33
CA ALA A 120 13.06 7.52 -13.09
C ALA A 120 11.64 6.94 -12.96
N HIS A 121 10.62 7.81 -12.87
CA HIS A 121 9.21 7.39 -12.62
C HIS A 121 8.64 6.65 -13.85
N SER A 122 9.13 6.86 -15.06
CA SER A 122 8.77 6.03 -16.24
C SER A 122 9.18 4.55 -16.01
N TYR A 123 10.26 4.29 -15.25
CA TYR A 123 10.70 2.91 -14.84
C TYR A 123 10.12 2.51 -13.47
N GLN A 124 9.19 3.31 -12.93
CA GLN A 124 8.49 3.02 -11.65
C GLN A 124 9.42 3.21 -10.43
N LEU A 125 10.47 4.00 -10.56
CA LEU A 125 11.46 4.15 -9.45
C LEU A 125 11.09 5.33 -8.54
N ASN A 126 11.09 5.11 -7.21
CA ASN A 126 11.27 6.18 -6.20
C ASN A 126 12.64 6.83 -6.48
N ALA A 127 12.73 8.15 -6.35
CA ALA A 127 13.94 8.92 -6.69
C ALA A 127 14.21 9.83 -5.50
N ARG A 128 15.47 10.17 -5.28
CA ARG A 128 15.82 11.30 -4.39
C ARG A 128 16.91 12.07 -5.12
N ILE A 129 17.21 13.27 -4.63
CA ILE A 129 18.09 14.22 -5.36
C ILE A 129 19.36 14.47 -4.53
N LEU A 130 20.52 14.29 -5.15
CA LEU A 130 21.84 14.62 -4.54
C LEU A 130 22.58 15.61 -5.43
N VAL A 131 22.87 16.81 -4.89
CA VAL A 131 23.70 17.84 -5.58
C VAL A 131 25.15 17.77 -5.02
N THR A 132 26.15 17.70 -5.91
CA THR A 132 27.59 17.62 -5.52
C THR A 132 28.29 18.94 -5.86
N LYS A 133 29.52 19.10 -5.35
CA LYS A 133 30.52 20.16 -5.68
C LYS A 133 30.15 21.46 -4.99
N LYS A 134 29.53 21.37 -3.82
CA LYS A 134 29.16 22.54 -3.02
C LYS A 134 30.38 23.43 -2.77
N ASP A 135 31.52 22.83 -2.43
CA ASP A 135 32.76 23.52 -1.99
C ASP A 135 33.35 24.31 -3.16
N LYS A 136 32.98 23.97 -4.40
CA LYS A 136 33.41 24.74 -5.59
C LYS A 136 32.31 25.71 -6.04
N THR A 137 31.23 25.88 -5.26
CA THR A 137 30.06 26.67 -5.71
C THR A 137 30.03 27.99 -4.96
N PRO A 138 29.97 29.15 -5.66
CA PRO A 138 29.87 30.43 -4.95
C PRO A 138 28.63 30.39 -4.06
N ILE A 139 28.72 30.94 -2.86
CA ILE A 139 27.64 30.78 -1.84
C ILE A 139 26.34 31.40 -2.36
N GLU A 140 26.38 32.53 -3.06
CA GLU A 140 25.15 33.16 -3.60
C GLU A 140 24.44 32.12 -4.50
N LYS A 141 25.20 31.44 -5.35
CA LYS A 141 24.70 30.34 -6.24
C LYS A 141 24.23 29.16 -5.38
N GLN A 142 24.92 28.84 -4.30
CA GLN A 142 24.50 27.76 -3.36
C GLN A 142 23.08 28.05 -2.86
N PHE A 143 22.82 29.29 -2.46
CA PHE A 143 21.53 29.72 -1.88
C PHE A 143 20.46 29.64 -2.96
N GLU A 144 20.80 29.92 -4.21
CA GLU A 144 19.87 29.78 -5.37
C GLU A 144 19.47 28.32 -5.51
N ILE A 145 20.45 27.42 -5.53
CA ILE A 145 20.18 25.95 -5.60
C ILE A 145 19.37 25.54 -4.37
N ASN A 146 19.69 26.02 -3.16
CA ASN A 146 18.90 25.69 -1.95
C ASN A 146 17.40 26.00 -2.20
N GLU A 147 17.05 27.21 -2.67
CA GLU A 147 15.64 27.62 -2.89
C GLU A 147 15.02 26.70 -3.94
N LEU A 148 15.79 26.28 -4.96
CA LEU A 148 15.31 25.31 -5.99
C LEU A 148 15.01 23.93 -5.35
N LEU A 149 15.88 23.44 -4.50
CA LEU A 149 15.70 22.13 -3.83
C LEU A 149 14.47 22.15 -2.90
N LYS A 150 14.15 23.29 -2.27
CA LYS A 150 12.90 23.47 -1.49
C LYS A 150 11.65 23.29 -2.36
N ILE A 151 11.69 23.58 -3.65
CA ILE A 151 10.51 23.37 -4.55
C ILE A 151 10.39 21.87 -4.82
N TYR A 152 11.51 21.18 -5.01
CA TYR A 152 11.54 19.70 -5.13
C TYR A 152 11.08 19.05 -3.82
N GLU A 153 11.39 19.67 -2.67
CA GLU A 153 10.98 19.14 -1.35
C GLU A 153 9.46 19.33 -1.17
N ASN A 154 8.92 20.43 -1.70
CA ASN A 154 7.47 20.73 -1.74
C ASN A 154 6.77 19.64 -2.54
N ILE A 155 7.32 19.29 -3.70
CA ILE A 155 6.77 18.27 -4.63
C ILE A 155 6.76 16.89 -3.95
N GLY A 156 7.68 16.60 -3.01
CA GLY A 156 7.75 15.33 -2.26
C GLY A 156 9.12 14.64 -2.24
N TYR A 157 10.16 15.17 -2.88
CA TYR A 157 11.49 14.49 -2.90
C TYR A 157 12.34 14.86 -1.68
N GLU A 158 13.21 13.92 -1.26
CA GLU A 158 14.35 14.18 -0.36
C GLU A 158 15.49 14.73 -1.22
N THR A 159 16.19 15.74 -0.70
CA THR A 159 17.29 16.46 -1.40
C THR A 159 18.47 16.62 -0.45
N GLU A 160 19.65 16.53 -1.00
CA GLU A 160 20.91 16.75 -0.26
C GLU A 160 21.81 17.56 -1.17
N PHE A 161 22.56 18.46 -0.56
CA PHE A 161 23.57 19.31 -1.25
C PHE A 161 24.90 19.09 -0.52
N ILE A 162 25.90 18.45 -1.15
CA ILE A 162 27.19 18.11 -0.47
C ILE A 162 28.38 18.63 -1.29
N GLY A 163 29.54 18.68 -0.63
CA GLY A 163 30.87 18.77 -1.27
C GLY A 163 31.90 17.91 -0.54
N ASN A 164 33.18 18.11 -0.82
CA ASN A 164 34.37 17.38 -0.29
C ASN A 164 34.45 17.43 1.24
N ASP A 165 33.77 18.34 1.88
CA ASP A 165 33.79 18.40 3.31
C ASP A 165 32.87 17.32 3.97
N ASP A 166 31.96 16.72 3.20
CA ASP A 166 30.98 15.75 3.79
C ASP A 166 31.48 14.30 3.68
N ASP A 167 31.31 13.53 4.75
CA ASP A 167 31.60 12.07 4.82
C ASP A 167 30.65 11.28 3.88
N ARG A 168 31.15 10.79 2.74
CA ARG A 168 30.32 10.17 1.68
C ARG A 168 29.75 8.84 2.16
N LYS A 169 30.57 7.97 2.76
CA LYS A 169 30.15 6.68 3.35
C LYS A 169 28.93 6.89 4.26
N LYS A 170 28.92 7.91 5.11
CA LYS A 170 27.82 8.10 6.10
C LYS A 170 26.58 8.61 5.36
N ILE A 171 26.77 9.42 4.31
CA ILE A 171 25.64 9.85 3.43
C ILE A 171 24.97 8.58 2.89
N VAL A 172 25.75 7.66 2.31
CA VAL A 172 25.26 6.42 1.66
C VAL A 172 24.57 5.55 2.71
N GLU A 173 25.17 5.43 3.88
CA GLU A 173 24.67 4.58 4.99
C GLU A 173 23.32 5.10 5.47
N ALA A 174 23.12 6.42 5.49
CA ALA A 174 21.90 7.08 6.03
C ALA A 174 20.74 7.06 5.00
N TRP A 175 20.99 6.73 3.74
CA TRP A 175 19.87 6.68 2.76
C TRP A 175 18.86 5.61 3.18
N PRO A 176 17.60 5.74 2.73
CA PRO A 176 16.55 4.80 3.09
C PRO A 176 16.90 3.32 2.81
N ALA A 177 16.31 2.46 3.62
CA ALA A 177 16.47 0.99 3.61
C ALA A 177 16.28 0.44 2.19
N GLY A 178 17.10 -0.52 1.76
CA GLY A 178 16.91 -1.27 0.50
C GLY A 178 18.01 -1.04 -0.52
N LEU A 179 17.74 -1.31 -1.80
CA LEU A 179 18.75 -1.16 -2.88
C LEU A 179 18.78 0.29 -3.37
N ILE A 180 19.95 0.91 -3.24
CA ILE A 180 20.33 2.22 -3.83
C ILE A 180 20.99 1.98 -5.19
N VAL A 181 20.52 2.66 -6.23
CA VAL A 181 21.24 2.82 -7.53
C VAL A 181 21.47 4.32 -7.78
N LEU A 182 22.69 4.71 -8.12
CA LEU A 182 23.05 6.10 -8.49
C LEU A 182 22.84 6.28 -9.99
N SER A 183 22.28 7.42 -10.37
CA SER A 183 22.14 7.86 -11.78
C SER A 183 22.62 9.31 -11.90
N GLY A 184 23.23 9.68 -13.01
CA GLY A 184 23.66 11.07 -13.27
C GLY A 184 24.68 11.10 -14.38
N GLN A 185 24.86 12.23 -15.07
CA GLN A 185 25.86 12.35 -16.17
C GLN A 185 27.29 12.10 -15.64
N SER A 186 28.21 11.76 -16.54
CA SER A 186 29.68 11.68 -16.30
C SER A 186 30.15 12.96 -15.61
N GLY A 187 31.03 12.82 -14.62
CA GLY A 187 31.80 13.93 -14.01
C GLY A 187 31.07 14.61 -12.87
N VAL A 188 29.93 14.08 -12.41
CA VAL A 188 29.19 14.68 -11.25
C VAL A 188 29.73 14.10 -9.92
N GLY A 189 30.48 13.00 -9.97
CA GLY A 189 31.20 12.40 -8.82
C GLY A 189 30.55 11.14 -8.27
N LYS A 190 29.76 10.40 -9.07
CA LYS A 190 29.08 9.15 -8.60
C LYS A 190 30.14 8.16 -8.08
N SER A 191 31.26 8.00 -8.81
CA SER A 191 32.31 7.00 -8.49
C SER A 191 32.95 7.32 -7.13
N THR A 192 32.95 8.59 -6.71
CA THR A 192 33.45 9.00 -5.37
C THR A 192 32.64 8.31 -4.25
N PHE A 193 31.36 8.00 -4.51
CA PHE A 193 30.47 7.22 -3.60
C PHE A 193 30.72 5.72 -3.78
N LEU A 194 30.80 5.28 -5.04
CA LEU A 194 30.83 3.84 -5.43
C LEU A 194 32.19 3.19 -5.09
N ASN A 195 33.18 3.97 -4.62
CA ASN A 195 34.56 3.50 -4.33
C ASN A 195 34.75 3.33 -2.81
N HIS A 196 33.74 3.65 -2.00
CA HIS A 196 33.70 3.28 -0.55
C HIS A 196 33.23 1.82 -0.39
N TYR A 197 32.81 1.18 -1.49
CA TYR A 197 32.13 -0.15 -1.55
C TYR A 197 32.83 -1.06 -2.56
N ARG A 198 33.12 -0.57 -3.78
CA ARG A 198 33.87 -1.28 -4.84
C ARG A 198 35.37 -1.07 -4.65
N PRO A 199 36.23 -1.60 -5.57
CA PRO A 199 37.56 -1.05 -5.86
C PRO A 199 37.62 -0.27 -7.18
N HIS A 221 28.96 -8.52 -14.88
CA HIS A 221 28.82 -7.04 -15.07
C HIS A 221 28.62 -6.37 -13.70
N VAL A 222 27.38 -6.07 -13.31
CA VAL A 222 27.02 -5.26 -12.11
C VAL A 222 26.94 -6.15 -10.86
N GLU A 223 27.33 -5.59 -9.70
CA GLU A 223 27.41 -6.25 -8.39
C GLU A 223 26.77 -5.34 -7.32
N LEU A 224 26.14 -5.91 -6.28
CA LEU A 224 25.62 -5.13 -5.13
C LEU A 224 26.57 -5.29 -3.94
N PHE A 225 26.74 -4.22 -3.17
CA PHE A 225 27.54 -4.20 -1.93
C PHE A 225 26.59 -3.84 -0.79
N GLU A 226 26.97 -4.22 0.43
CA GLU A 226 26.14 -4.09 1.64
C GLU A 226 26.30 -2.67 2.20
N ARG A 227 25.19 -2.16 2.72
CA ARG A 227 25.08 -0.99 3.62
C ARG A 227 24.46 -1.58 4.89
N GLN A 228 24.58 -0.92 6.03
CA GLN A 228 23.90 -1.33 7.30
C GLN A 228 22.46 -1.78 7.00
N ASN A 229 21.66 -1.03 6.22
CA ASN A 229 20.20 -1.31 6.01
C ASN A 229 19.90 -1.60 4.53
N GLY A 230 20.79 -2.27 3.81
CA GLY A 230 20.47 -2.64 2.43
C GLY A 230 21.70 -2.79 1.58
N TYR A 231 21.65 -2.23 0.38
CA TYR A 231 22.65 -2.49 -0.68
C TYR A 231 22.84 -1.22 -1.50
N ILE A 232 23.91 -1.22 -2.28
CA ILE A 232 24.18 -0.18 -3.31
C ILE A 232 24.81 -0.89 -4.50
N ALA A 233 24.36 -0.60 -5.71
CA ALA A 233 24.93 -1.16 -6.95
C ALA A 233 26.26 -0.44 -7.26
N ASP A 234 27.25 -1.18 -7.77
CA ASP A 234 28.64 -0.70 -7.98
C ASP A 234 28.78 -0.08 -9.38
N THR A 235 27.68 -0.03 -10.14
CA THR A 235 27.58 0.51 -11.51
C THR A 235 26.39 1.46 -11.53
N PRO A 236 26.58 2.67 -12.07
CA PRO A 236 25.51 3.67 -12.14
C PRO A 236 24.41 3.25 -13.11
N GLY A 237 23.20 3.73 -12.89
CA GLY A 237 22.08 3.40 -13.75
C GLY A 237 22.19 4.03 -15.13
N PHE A 238 22.96 3.38 -16.00
CA PHE A 238 23.18 3.85 -17.36
C PHE A 238 23.56 5.33 -17.42
N SER A 239 24.15 5.85 -16.34
CA SER A 239 24.56 7.27 -16.23
C SER A 239 23.43 8.19 -16.67
N ALA A 240 23.63 9.01 -17.70
CA ALA A 240 22.56 9.87 -18.21
C ALA A 240 21.41 8.95 -18.62
N LEU A 241 20.56 8.62 -17.68
CA LEU A 241 19.48 7.66 -17.92
C LEU A 241 18.52 7.97 -19.07
N ASP A 242 17.96 6.90 -19.64
CA ASP A 242 16.98 6.99 -20.72
C ASP A 242 15.60 6.38 -20.51
N PHE A 243 14.64 7.04 -21.18
CA PHE A 243 13.20 6.77 -21.09
C PHE A 243 12.59 5.43 -21.49
N ASP A 244 13.21 4.72 -22.45
CA ASP A 244 12.74 3.42 -22.95
C ASP A 244 11.43 3.87 -23.66
N HIS A 245 10.31 3.23 -23.48
CA HIS A 245 9.13 3.72 -24.17
C HIS A 245 8.30 4.53 -23.24
N ILE A 246 7.89 5.69 -23.72
CA ILE A 246 7.12 6.68 -23.00
C ILE A 246 6.15 7.37 -23.97
N ASP A 247 4.88 7.48 -23.63
CA ASP A 247 3.89 8.15 -24.48
C ASP A 247 3.62 9.57 -23.94
N LYS A 248 3.21 10.53 -24.78
CA LYS A 248 3.06 11.97 -24.40
C LYS A 248 2.06 12.08 -23.27
N ASP A 249 1.11 11.16 -23.20
CA ASP A 249 0.07 11.20 -22.15
C ASP A 249 0.52 10.75 -20.75
N GLU A 250 1.67 10.08 -20.67
CA GLU A 250 2.17 9.60 -19.34
C GLU A 250 3.02 10.65 -18.61
N ILE A 251 3.55 11.64 -19.33
CA ILE A 251 4.56 12.60 -18.80
C ILE A 251 3.98 13.28 -17.57
N LYS A 252 2.71 13.68 -17.61
CA LYS A 252 2.06 14.42 -16.50
C LYS A 252 1.98 13.55 -15.26
N ASP A 253 1.94 12.21 -15.40
CA ASP A 253 1.98 11.28 -14.24
C ASP A 253 3.31 11.47 -13.48
N TYR A 254 4.40 11.78 -14.18
CA TYR A 254 5.80 11.75 -13.65
C TYR A 254 6.26 13.15 -13.20
N PHE A 255 5.46 14.20 -13.46
CA PHE A 255 5.51 15.46 -12.69
C PHE A 255 4.57 15.32 -11.48
N LEU A 256 5.08 14.97 -10.30
CA LEU A 256 4.21 14.44 -9.21
C LEU A 256 3.20 15.50 -8.75
N GLU A 257 3.52 16.79 -8.88
CA GLU A 257 2.58 17.87 -8.48
C GLU A 257 1.54 18.06 -9.59
N LEU A 258 1.91 17.96 -10.88
CA LEU A 258 0.92 18.01 -11.97
C LEU A 258 -0.03 16.80 -11.85
N ASN A 259 0.53 15.63 -11.55
CA ASN A 259 -0.25 14.39 -11.25
C ASN A 259 -1.34 14.71 -10.22
N ARG A 260 -0.93 15.24 -9.08
CA ARG A 260 -1.80 15.51 -7.91
C ARG A 260 -2.90 16.50 -8.32
N TYR A 261 -2.50 17.69 -8.77
CA TYR A 261 -3.38 18.82 -9.10
C TYR A 261 -4.23 18.50 -10.33
N GLY A 262 -3.79 17.55 -11.16
CA GLY A 262 -4.52 17.09 -12.36
C GLY A 262 -5.83 16.41 -12.03
N GLU A 263 -6.02 15.97 -10.78
CA GLU A 263 -7.13 15.06 -10.41
C GLU A 263 -8.48 15.78 -10.58
N THR A 264 -8.51 17.12 -10.54
CA THR A 264 -9.79 17.90 -10.61
C THR A 264 -9.89 18.73 -11.89
N CYS A 265 -8.91 18.67 -12.81
CA CYS A 265 -9.00 19.31 -14.16
C CYS A 265 -10.36 18.91 -14.79
N LYS A 266 -11.04 19.84 -15.48
CA LYS A 266 -12.39 19.59 -16.07
C LYS A 266 -12.31 18.36 -16.96
N PHE A 267 -11.47 18.39 -18.00
CA PHE A 267 -11.37 17.28 -18.99
C PHE A 267 -10.85 16.03 -18.26
N ARG A 268 -11.30 14.85 -18.67
CA ARG A 268 -11.03 13.56 -17.97
C ARG A 268 -9.52 13.28 -17.95
N ASN A 269 -8.88 13.35 -19.11
CA ASN A 269 -7.43 13.09 -19.29
C ASN A 269 -6.77 14.42 -19.69
N CYS A 270 -6.98 15.48 -18.93
CA CYS A 270 -6.44 16.83 -19.24
C CYS A 270 -4.89 16.80 -19.27
N ASN A 271 -4.32 17.25 -20.39
CA ASN A 271 -2.85 17.42 -20.56
C ASN A 271 -2.37 18.77 -20.01
N HIS A 272 -3.26 19.58 -19.45
CA HIS A 272 -2.96 20.89 -18.91
C HIS A 272 -2.22 21.80 -19.90
N ILE A 273 -2.61 21.83 -21.17
CA ILE A 273 -1.92 22.58 -22.22
C ILE A 273 -2.82 23.67 -22.79
N LYS A 274 -3.91 23.25 -23.44
CA LYS A 274 -4.85 24.19 -24.03
C LYS A 274 -6.28 23.82 -23.65
N GLU A 275 -6.43 23.12 -22.54
CA GLU A 275 -7.76 22.69 -22.05
C GLU A 275 -8.31 23.81 -21.18
N PRO A 276 -9.63 24.14 -21.28
CA PRO A 276 -10.24 25.06 -20.32
C PRO A 276 -10.50 24.35 -18.98
N ASN A 277 -10.63 25.14 -17.90
CA ASN A 277 -10.98 24.69 -16.52
C ASN A 277 -9.88 23.79 -15.98
N CYS A 278 -8.63 24.06 -16.36
CA CYS A 278 -7.43 23.27 -15.97
C CYS A 278 -6.94 23.67 -14.58
N ASN A 279 -6.95 22.77 -13.61
CA ASN A 279 -6.45 23.08 -12.24
C ASN A 279 -4.91 23.19 -12.21
N VAL A 280 -4.20 22.60 -13.17
CA VAL A 280 -2.72 22.80 -13.24
C VAL A 280 -2.46 24.26 -13.61
N LYS A 281 -3.11 24.76 -14.66
CA LYS A 281 -3.02 26.19 -15.05
C LYS A 281 -3.35 27.06 -13.84
N HIS A 282 -4.37 26.66 -13.09
CA HIS A 282 -4.92 27.44 -11.94
C HIS A 282 -3.89 27.47 -10.80
N GLN A 283 -3.47 26.31 -10.31
CA GLN A 283 -2.41 26.16 -9.27
C GLN A 283 -1.10 26.85 -9.73
N LEU A 284 -0.74 26.73 -11.01
CA LEU A 284 0.37 27.53 -11.57
C LEU A 284 0.09 29.01 -11.29
N GLU A 285 -1.10 29.50 -11.68
CA GLU A 285 -1.44 30.94 -11.65
C GLU A 285 -1.36 31.47 -10.21
N ILE A 286 -1.75 30.69 -9.21
CA ILE A 286 -1.69 31.12 -7.78
C ILE A 286 -0.45 30.53 -7.08
N GLY A 287 0.53 30.06 -7.86
CA GLY A 287 1.92 29.85 -7.38
C GLY A 287 2.10 28.59 -6.55
N ASN A 288 1.33 27.53 -6.76
CA ASN A 288 1.59 26.25 -6.07
C ASN A 288 2.27 25.28 -7.02
N ILE A 289 2.50 25.70 -8.25
CA ILE A 289 3.37 24.98 -9.21
C ILE A 289 4.40 26.01 -9.70
N ALA A 290 5.68 25.63 -9.66
CA ALA A 290 6.80 26.44 -10.17
C ALA A 290 6.68 26.51 -11.68
N GLN A 291 6.99 27.67 -12.26
CA GLN A 291 6.84 27.94 -13.72
C GLN A 291 7.82 27.05 -14.50
N PHE A 292 9.05 26.88 -14.00
CA PHE A 292 10.08 26.02 -14.65
C PHE A 292 9.55 24.59 -14.79
N ARG A 293 8.80 24.09 -13.80
CA ARG A 293 8.24 22.72 -13.78
C ARG A 293 7.26 22.59 -14.96
N TYR A 294 6.34 23.54 -15.10
CA TYR A 294 5.32 23.56 -16.17
C TYR A 294 6.01 23.78 -17.50
N ASP A 295 6.97 24.72 -17.58
CA ASP A 295 7.78 24.93 -18.81
C ASP A 295 8.42 23.62 -19.26
N HIS A 296 9.02 22.85 -18.34
CA HIS A 296 9.76 21.61 -18.70
C HIS A 296 8.74 20.55 -19.13
N TYR A 297 7.64 20.47 -18.42
CA TYR A 297 6.50 19.60 -18.79
C TYR A 297 6.12 19.85 -20.26
N LEU A 298 5.89 21.11 -20.61
CA LEU A 298 5.42 21.48 -21.98
C LEU A 298 6.54 21.11 -22.98
N GLN A 299 7.79 21.46 -22.69
CA GLN A 299 8.95 21.12 -23.58
C GLN A 299 8.95 19.62 -23.84
N LEU A 300 8.83 18.79 -22.79
CA LEU A 300 8.90 17.31 -22.89
C LEU A 300 7.69 16.75 -23.63
N PHE A 301 6.51 17.22 -23.25
CA PHE A 301 5.26 16.91 -23.99
C PHE A 301 5.50 17.09 -25.50
N ASN A 302 5.99 18.27 -25.92
CA ASN A 302 6.18 18.64 -27.35
C ASN A 302 7.27 17.74 -27.96
N GLU A 303 8.39 17.52 -27.26
CA GLU A 303 9.50 16.65 -27.72
C GLU A 303 8.96 15.25 -28.04
N ILE A 304 8.16 14.67 -27.14
CA ILE A 304 7.65 13.27 -27.24
C ILE A 304 6.66 13.15 -28.41
N SER A 305 5.74 14.10 -28.55
CA SER A 305 4.85 14.19 -29.75
C SER A 305 5.70 14.41 -31.00
N ASN A 306 6.71 15.28 -30.92
CA ASN A 306 7.71 15.64 -32.00
C ASN A 306 7.38 17.04 -32.54
N ARG B 17 -46.66 9.44 -6.47
CA ARG B 17 -46.83 8.71 -7.77
C ARG B 17 -46.24 7.28 -7.69
N GLY B 18 -45.31 7.02 -6.76
CA GLY B 18 -44.71 5.69 -6.58
C GLY B 18 -45.60 4.80 -5.74
N SER B 19 -45.03 3.73 -5.16
CA SER B 19 -45.73 2.82 -4.20
C SER B 19 -45.82 3.49 -2.81
N HIS B 20 -46.70 2.95 -1.95
CA HIS B 20 -47.12 3.54 -0.65
C HIS B 20 -46.17 3.11 0.50
N MET B 21 -45.87 1.82 0.58
CA MET B 21 -44.95 1.22 1.58
C MET B 21 -43.64 0.93 0.86
N LYS B 22 -42.52 1.39 1.40
CA LYS B 22 -41.17 1.18 0.80
C LYS B 22 -40.17 0.59 1.82
N THR B 23 -39.18 -0.12 1.31
CA THR B 23 -38.08 -0.77 2.07
C THR B 23 -36.74 -0.18 1.61
N GLY B 24 -35.91 0.24 2.54
CA GLY B 24 -34.51 0.60 2.22
C GLY B 24 -33.61 0.68 3.45
N ARG B 25 -32.43 1.27 3.26
CA ARG B 25 -31.38 1.38 4.29
C ARG B 25 -31.31 2.78 4.88
N ILE B 26 -31.26 2.85 6.20
CA ILE B 26 -30.93 4.09 6.95
C ILE B 26 -29.48 4.47 6.63
N VAL B 27 -29.27 5.62 6.00
CA VAL B 27 -27.91 6.09 5.59
C VAL B 27 -27.48 7.20 6.55
N LYS B 28 -28.42 7.80 7.27
CA LYS B 28 -28.17 8.92 8.19
C LYS B 28 -29.20 8.90 9.32
N SER B 29 -28.77 9.21 10.53
CA SER B 29 -29.62 9.32 11.74
C SER B 29 -29.23 10.61 12.49
N ILE B 30 -30.12 11.62 12.45
CA ILE B 30 -29.93 12.97 13.07
C ILE B 30 -31.16 13.32 13.92
N SER B 31 -31.05 13.25 15.25
CA SER B 31 -32.05 13.78 16.21
C SER B 31 -33.44 13.23 15.87
N GLY B 32 -33.59 11.90 15.82
CA GLY B 32 -34.90 11.22 15.73
C GLY B 32 -35.52 11.26 14.35
N VAL B 33 -34.80 11.77 13.35
CA VAL B 33 -35.14 11.64 11.91
C VAL B 33 -34.13 10.67 11.28
N TYR B 34 -34.63 9.66 10.58
CA TYR B 34 -33.84 8.56 9.99
C TYR B 34 -33.98 8.65 8.46
N GLN B 35 -32.90 8.99 7.77
CA GLN B 35 -32.90 9.13 6.29
C GLN B 35 -32.74 7.74 5.70
N VAL B 36 -33.62 7.37 4.78
CA VAL B 36 -33.72 5.99 4.21
C VAL B 36 -33.53 6.08 2.71
N ASP B 37 -32.59 5.28 2.21
CA ASP B 37 -32.22 5.24 0.77
C ASP B 37 -32.97 4.07 0.16
N VAL B 38 -33.90 4.40 -0.74
CA VAL B 38 -34.71 3.47 -1.57
C VAL B 38 -34.33 3.69 -3.05
N ASN B 39 -33.41 2.88 -3.59
CA ASN B 39 -33.04 2.93 -5.03
C ASN B 39 -32.47 4.31 -5.40
N GLY B 40 -31.71 4.93 -4.49
CA GLY B 40 -30.99 6.19 -4.71
C GLY B 40 -31.81 7.42 -4.33
N GLU B 41 -32.99 7.22 -3.79
CA GLU B 41 -33.88 8.33 -3.39
C GLU B 41 -34.00 8.37 -1.86
N ARG B 42 -33.81 9.55 -1.26
CA ARG B 42 -33.74 9.72 0.22
C ARG B 42 -35.12 10.15 0.74
N PHE B 43 -35.60 9.49 1.79
CA PHE B 43 -36.84 9.85 2.53
C PHE B 43 -36.50 10.06 3.99
N ASN B 44 -36.90 11.20 4.54
CA ASN B 44 -36.69 11.54 5.98
C ASN B 44 -37.88 10.96 6.75
N THR B 45 -37.63 9.90 7.51
CA THR B 45 -38.69 9.11 8.20
C THR B 45 -38.53 9.27 9.70
N LYS B 46 -39.61 9.00 10.43
CA LYS B 46 -39.60 8.87 11.92
C LYS B 46 -40.78 7.99 12.33
N PRO B 47 -40.84 7.54 13.60
CA PRO B 47 -42.05 6.94 14.16
C PRO B 47 -43.21 7.94 14.10
N ARG B 48 -44.46 7.45 13.97
CA ARG B 48 -45.66 8.29 13.64
C ARG B 48 -46.29 8.91 14.90
N GLY B 49 -45.56 9.02 16.02
CA GLY B 49 -46.09 9.68 17.23
C GLY B 49 -45.12 10.69 17.81
N LEU B 50 -45.39 11.12 19.04
CA LEU B 50 -44.44 11.90 19.88
C LEU B 50 -43.11 11.12 19.94
N PHE B 51 -41.99 11.83 19.70
CA PHE B 51 -40.61 11.28 19.77
C PHE B 51 -40.39 10.61 21.14
N ARG B 52 -40.96 11.18 22.22
CA ARG B 52 -40.96 10.68 23.63
C ARG B 52 -41.24 9.17 23.66
N LYS B 53 -42.48 8.74 23.38
CA LYS B 53 -42.87 7.31 23.23
C LYS B 53 -41.82 6.61 22.35
N LYS B 54 -40.90 5.86 22.96
CA LYS B 54 -39.68 5.30 22.29
C LYS B 54 -40.03 3.92 21.71
N LYS B 55 -40.51 3.90 20.45
CA LYS B 55 -41.21 2.80 19.76
C LYS B 55 -40.24 1.88 19.02
N PHE B 56 -39.28 2.50 18.32
CA PHE B 56 -38.21 1.85 17.53
C PHE B 56 -36.86 2.35 18.05
N SER B 57 -35.83 1.51 17.89
CA SER B 57 -34.41 1.86 18.13
C SER B 57 -33.63 1.63 16.82
N PRO B 58 -33.77 2.54 15.83
CA PRO B 58 -33.17 2.33 14.52
C PRO B 58 -31.73 2.84 14.59
N VAL B 59 -30.89 2.21 13.80
CA VAL B 59 -29.44 2.50 13.72
C VAL B 59 -29.12 2.66 12.23
N VAL B 60 -28.09 3.44 11.92
CA VAL B 60 -27.54 3.54 10.55
C VAL B 60 -27.22 2.12 10.07
N GLY B 61 -27.66 1.78 8.87
CA GLY B 61 -27.42 0.47 8.23
C GLY B 61 -28.64 -0.44 8.29
N ASP B 62 -29.62 -0.11 9.15
CA ASP B 62 -30.86 -0.90 9.33
C ASP B 62 -31.65 -0.95 8.03
N ILE B 63 -32.26 -2.11 7.77
CA ILE B 63 -33.25 -2.27 6.67
C ILE B 63 -34.60 -2.01 7.32
N VAL B 64 -35.33 -1.01 6.83
CA VAL B 64 -36.63 -0.59 7.39
C VAL B 64 -37.68 -0.51 6.28
N GLU B 65 -38.91 -0.81 6.67
CA GLU B 65 -40.15 -0.56 5.90
C GLU B 65 -40.78 0.68 6.50
N PHE B 66 -41.16 1.65 5.65
CA PHE B 66 -41.89 2.87 6.04
C PHE B 66 -43.04 3.09 5.06
N GLU B 67 -44.01 3.88 5.51
CA GLU B 67 -45.12 4.43 4.70
C GLU B 67 -44.72 5.82 4.23
N VAL B 68 -44.81 6.08 2.92
CA VAL B 68 -44.48 7.41 2.32
C VAL B 68 -45.52 8.41 2.81
N GLN B 69 -45.06 9.54 3.38
CA GLN B 69 -45.85 10.74 3.79
C GLN B 69 -45.31 12.02 3.14
N ASN B 70 -46.17 12.98 2.80
CA ASN B 70 -45.77 14.33 2.33
C ASN B 70 -44.58 14.20 1.37
N ILE B 71 -44.76 13.42 0.31
CA ILE B 71 -43.78 13.19 -0.75
C ILE B 71 -42.48 12.43 -0.43
N ASN B 72 -41.57 13.08 0.31
CA ASN B 72 -40.24 12.48 0.60
C ASN B 72 -39.98 12.41 2.12
N GLU B 73 -41.03 12.27 2.93
CA GLU B 73 -40.89 11.84 4.34
C GLU B 73 -41.60 10.49 4.52
N GLY B 74 -41.73 10.04 5.76
CA GLY B 74 -42.34 8.72 6.03
C GLY B 74 -42.44 8.37 7.49
N TYR B 75 -43.31 7.40 7.73
CA TYR B 75 -43.54 6.76 9.04
C TYR B 75 -42.90 5.37 9.02
N ILE B 76 -41.92 5.15 9.89
CA ILE B 76 -41.29 3.81 10.02
C ILE B 76 -42.38 2.83 10.50
N HIS B 77 -42.54 1.72 9.78
CA HIS B 77 -43.50 0.62 10.07
C HIS B 77 -42.75 -0.52 10.81
N GLN B 78 -41.52 -0.84 10.39
CA GLN B 78 -40.79 -2.07 10.79
C GLN B 78 -39.27 -1.89 10.55
N VAL B 79 -38.47 -2.19 11.57
CA VAL B 79 -37.00 -2.48 11.43
C VAL B 79 -36.81 -4.01 11.37
N PHE B 80 -36.25 -4.51 10.29
CA PHE B 80 -36.01 -5.96 10.12
C PHE B 80 -34.84 -6.33 11.05
N GLU B 81 -34.82 -7.60 11.46
CA GLU B 81 -33.84 -8.16 12.42
C GLU B 81 -32.46 -7.97 11.79
N ARG B 82 -31.54 -7.37 12.54
CA ARG B 82 -30.15 -7.08 12.09
C ARG B 82 -29.45 -8.40 11.83
N GLU B 83 -28.82 -8.53 10.66
CA GLU B 83 -27.97 -9.68 10.33
C GLU B 83 -26.67 -9.61 11.13
N ASN B 84 -26.21 -8.40 11.47
CA ASN B 84 -25.00 -8.14 12.30
C ASN B 84 -25.08 -6.67 12.71
N GLU B 85 -24.23 -6.26 13.65
CA GLU B 85 -24.04 -4.85 14.06
C GLU B 85 -22.73 -4.69 14.84
N LEU B 86 -22.30 -3.43 14.92
CA LEU B 86 -21.30 -2.87 15.87
C LEU B 86 -22.07 -1.98 16.83
N LYS B 87 -21.68 -1.88 18.11
CA LYS B 87 -22.24 -0.87 19.04
C LYS B 87 -21.45 0.44 18.88
N ARG B 88 -20.17 0.36 18.50
CA ARG B 88 -19.26 1.54 18.48
C ARG B 88 -18.41 1.50 17.22
N PRO B 89 -18.70 2.35 16.20
CA PRO B 89 -19.91 3.17 16.18
C PRO B 89 -21.12 2.27 15.96
N PRO B 90 -22.36 2.75 16.15
CA PRO B 90 -23.54 1.92 15.98
C PRO B 90 -23.91 1.87 14.48
N VAL B 91 -23.64 0.73 13.84
CA VAL B 91 -23.92 0.50 12.39
C VAL B 91 -24.25 -0.99 12.22
N SER B 92 -25.34 -1.31 11.52
CA SER B 92 -25.88 -2.69 11.30
C SER B 92 -25.72 -3.09 9.84
N ASN B 93 -25.77 -4.40 9.57
CA ASN B 93 -25.96 -4.99 8.22
C ASN B 93 -24.75 -4.64 7.35
N ILE B 94 -23.57 -4.87 7.91
CA ILE B 94 -22.28 -4.70 7.19
C ILE B 94 -22.09 -5.93 6.30
N ASP B 95 -21.86 -5.72 5.01
CA ASP B 95 -21.60 -6.82 4.04
C ASP B 95 -20.12 -7.22 4.06
N THR B 96 -19.23 -6.25 4.19
CA THR B 96 -17.76 -6.47 4.18
C THR B 96 -17.09 -5.53 5.17
N LEU B 97 -16.38 -6.09 6.13
CA LEU B 97 -15.47 -5.30 6.98
C LEU B 97 -14.09 -5.38 6.34
N VAL B 98 -13.55 -4.22 5.97
CA VAL B 98 -12.21 -4.12 5.35
C VAL B 98 -11.25 -3.75 6.46
N ILE B 99 -10.39 -4.68 6.84
CA ILE B 99 -9.34 -4.37 7.86
C ILE B 99 -8.20 -3.74 7.07
N VAL B 100 -7.92 -2.48 7.42
CA VAL B 100 -6.89 -1.64 6.76
C VAL B 100 -5.68 -1.66 7.69
N MET B 101 -4.57 -2.22 7.24
CA MET B 101 -3.27 -2.21 7.96
C MET B 101 -2.17 -1.58 7.07
N SER B 102 -1.29 -0.78 7.67
CA SER B 102 -0.08 -0.25 6.99
C SER B 102 1.01 -1.33 6.92
N ALA B 103 1.73 -1.40 5.81
CA ALA B 103 2.95 -2.21 5.66
C ALA B 103 4.07 -1.64 6.56
N VAL B 104 4.16 -0.31 6.66
CA VAL B 104 5.17 0.42 7.49
C VAL B 104 4.43 1.58 8.17
N GLU B 105 4.97 2.08 9.28
CA GLU B 105 4.52 3.31 9.98
C GLU B 105 3.05 3.24 10.37
N PRO B 106 2.63 2.30 11.25
CA PRO B 106 3.50 1.26 11.78
C PRO B 106 3.68 -0.02 10.94
N ASN B 107 4.69 -0.83 11.32
CA ASN B 107 5.02 -2.13 10.68
C ASN B 107 3.81 -3.07 10.70
N PHE B 108 3.56 -3.73 9.57
CA PHE B 108 2.65 -4.88 9.42
C PHE B 108 2.84 -5.86 10.59
N SER B 109 1.74 -6.30 11.17
CA SER B 109 1.72 -7.27 12.30
C SER B 109 0.63 -8.31 12.06
N THR B 110 1.01 -9.56 11.79
CA THR B 110 0.08 -10.73 11.74
C THR B 110 -0.56 -10.92 13.12
N GLN B 111 0.16 -10.60 14.18
CA GLN B 111 -0.37 -10.56 15.56
C GLN B 111 -1.60 -9.65 15.63
N LEU B 112 -1.46 -8.38 15.22
CA LEU B 112 -2.61 -7.43 15.30
C LEU B 112 -3.73 -7.85 14.31
N LEU B 113 -3.36 -8.36 13.13
CA LEU B 113 -4.31 -8.71 12.05
C LEU B 113 -5.16 -9.90 12.51
N ASP B 114 -4.51 -10.97 13.01
CA ASP B 114 -5.19 -12.11 13.65
C ASP B 114 -6.21 -11.63 14.70
N ARG B 115 -5.81 -10.72 15.60
CA ARG B 115 -6.69 -10.14 16.66
C ARG B 115 -7.92 -9.46 16.04
N PHE B 116 -7.72 -8.64 15.03
CA PHE B 116 -8.77 -7.89 14.29
C PHE B 116 -9.74 -8.87 13.60
N LEU B 117 -9.21 -9.91 12.96
CA LEU B 117 -10.05 -10.93 12.30
C LEU B 117 -10.91 -11.64 13.34
N VAL B 118 -10.35 -11.97 14.51
CA VAL B 118 -11.11 -12.61 15.62
C VAL B 118 -12.28 -11.69 16.03
N ILE B 119 -12.01 -10.39 16.24
CA ILE B 119 -13.07 -9.41 16.62
C ILE B 119 -14.13 -9.43 15.51
N ALA B 120 -13.70 -9.33 14.25
CA ALA B 120 -14.58 -9.22 13.07
C ALA B 120 -15.56 -10.40 13.06
N HIS B 121 -15.05 -11.64 13.02
CA HIS B 121 -15.87 -12.88 12.96
C HIS B 121 -16.70 -13.06 14.25
N SER B 122 -16.29 -12.47 15.37
CA SER B 122 -17.07 -12.51 16.63
C SER B 122 -18.37 -11.70 16.46
N TYR B 123 -18.42 -10.76 15.51
CA TYR B 123 -19.62 -9.96 15.17
C TYR B 123 -20.24 -10.49 13.89
N GLN B 124 -19.81 -11.68 13.47
CA GLN B 124 -20.36 -12.40 12.31
C GLN B 124 -20.20 -11.53 11.07
N LEU B 125 -19.11 -10.78 10.95
CA LEU B 125 -18.81 -9.98 9.73
C LEU B 125 -17.93 -10.78 8.77
N ASN B 126 -18.27 -10.83 7.48
CA ASN B 126 -17.30 -11.16 6.41
C ASN B 126 -16.19 -10.11 6.48
N ALA B 127 -14.94 -10.53 6.36
CA ALA B 127 -13.79 -9.62 6.38
C ALA B 127 -12.96 -9.83 5.12
N ARG B 128 -12.25 -8.78 4.72
CA ARG B 128 -11.15 -8.82 3.73
C ARG B 128 -10.03 -7.90 4.24
N ILE B 129 -8.86 -7.99 3.65
CA ILE B 129 -7.61 -7.40 4.20
C ILE B 129 -7.05 -6.43 3.16
N LEU B 130 -6.86 -5.18 3.57
CA LEU B 130 -6.19 -4.14 2.76
C LEU B 130 -4.92 -3.68 3.47
N VAL B 131 -3.79 -3.85 2.81
CA VAL B 131 -2.50 -3.32 3.30
C VAL B 131 -2.14 -2.07 2.50
N THR B 132 -1.80 -0.99 3.18
CA THR B 132 -1.42 0.30 2.57
C THR B 132 0.09 0.55 2.65
N LYS B 133 0.55 1.58 1.93
CA LYS B 133 1.90 2.20 2.07
C LYS B 133 2.94 1.31 1.42
N LYS B 134 2.56 0.59 0.36
CA LYS B 134 3.49 -0.21 -0.49
C LYS B 134 4.67 0.67 -0.93
N ASP B 135 4.39 1.91 -1.30
CA ASP B 135 5.33 2.86 -1.94
C ASP B 135 6.36 3.33 -0.92
N LYS B 136 6.07 3.21 0.37
CA LYS B 136 7.03 3.55 1.46
C LYS B 136 7.71 2.28 1.98
N THR B 137 7.48 1.12 1.36
CA THR B 137 7.91 -0.20 1.89
C THR B 137 9.08 -0.73 1.06
N PRO B 138 10.23 -1.07 1.70
CA PRO B 138 11.35 -1.66 0.96
C PRO B 138 10.88 -2.92 0.23
N ILE B 139 11.31 -3.12 -1.01
CA ILE B 139 10.75 -4.20 -1.87
C ILE B 139 10.90 -5.57 -1.18
N GLU B 140 12.03 -5.86 -0.51
CA GLU B 140 12.22 -7.16 0.20
C GLU B 140 11.16 -7.31 1.29
N LYS B 141 10.87 -6.27 2.05
CA LYS B 141 9.72 -6.30 3.01
C LYS B 141 8.40 -6.50 2.25
N GLN B 142 8.22 -5.87 1.09
CA GLN B 142 6.92 -6.00 0.36
C GLN B 142 6.67 -7.49 0.07
N PHE B 143 7.70 -8.20 -0.39
CA PHE B 143 7.62 -9.61 -0.85
C PHE B 143 7.36 -10.51 0.37
N GLU B 144 7.94 -10.18 1.52
CA GLU B 144 7.65 -10.88 2.80
C GLU B 144 6.15 -10.71 3.05
N ILE B 145 5.65 -9.47 2.96
CA ILE B 145 4.21 -9.18 3.21
C ILE B 145 3.37 -9.94 2.16
N ASN B 146 3.75 -9.92 0.89
CA ASN B 146 3.00 -10.67 -0.16
C ASN B 146 2.94 -12.15 0.26
N GLU B 147 4.03 -12.69 0.80
CA GLU B 147 4.09 -14.11 1.20
C GLU B 147 3.15 -14.36 2.40
N LEU B 148 3.07 -13.45 3.38
CA LEU B 148 2.10 -13.58 4.50
C LEU B 148 0.65 -13.50 3.97
N LEU B 149 0.36 -12.58 3.05
CA LEU B 149 -1.01 -12.41 2.52
C LEU B 149 -1.51 -13.68 1.80
N LYS B 150 -0.63 -14.40 1.10
CA LYS B 150 -0.96 -15.70 0.47
C LYS B 150 -1.47 -16.68 1.53
N ILE B 151 -0.93 -16.64 2.75
CA ILE B 151 -1.41 -17.56 3.82
C ILE B 151 -2.84 -17.17 4.21
N TYR B 152 -3.12 -15.89 4.41
CA TYR B 152 -4.51 -15.44 4.66
C TYR B 152 -5.43 -15.82 3.49
N GLU B 153 -4.94 -15.80 2.24
CA GLU B 153 -5.72 -16.16 1.03
C GLU B 153 -6.09 -17.66 1.06
N ASN B 154 -5.11 -18.53 1.28
CA ASN B 154 -5.27 -19.99 1.51
C ASN B 154 -6.31 -20.26 2.59
N ILE B 155 -6.36 -19.41 3.62
CA ILE B 155 -7.37 -19.44 4.71
C ILE B 155 -8.72 -19.01 4.14
N GLY B 156 -8.74 -18.18 3.09
CA GLY B 156 -9.95 -17.86 2.31
C GLY B 156 -10.30 -16.37 2.25
N TYR B 157 -9.48 -15.49 2.82
CA TYR B 157 -9.66 -14.02 2.72
C TYR B 157 -9.19 -13.48 1.37
N GLU B 158 -9.91 -12.50 0.84
CA GLU B 158 -9.43 -11.56 -0.19
C GLU B 158 -8.40 -10.62 0.45
N THR B 159 -7.29 -10.39 -0.24
CA THR B 159 -6.21 -9.47 0.22
C THR B 159 -5.83 -8.54 -0.92
N GLU B 160 -5.47 -7.31 -0.57
CA GLU B 160 -4.88 -6.33 -1.50
C GLU B 160 -3.72 -5.63 -0.80
N PHE B 161 -2.74 -5.18 -1.57
CA PHE B 161 -1.57 -4.42 -1.07
C PHE B 161 -1.36 -3.21 -1.98
N ILE B 162 -1.58 -2.00 -1.48
CA ILE B 162 -1.58 -0.76 -2.33
C ILE B 162 -0.66 0.31 -1.73
N GLY B 163 -0.36 1.30 -2.56
CA GLY B 163 0.32 2.54 -2.16
C GLY B 163 -0.32 3.72 -2.87
N ASN B 164 0.38 4.86 -2.89
CA ASN B 164 -0.02 6.15 -3.53
C ASN B 164 -0.40 5.95 -4.99
N ASP B 165 0.32 5.10 -5.71
CA ASP B 165 0.11 4.89 -7.17
C ASP B 165 -1.34 4.43 -7.42
N ASP B 166 -1.98 3.67 -6.51
CA ASP B 166 -3.23 2.91 -6.81
C ASP B 166 -4.47 3.83 -6.77
N ASP B 167 -5.47 3.53 -7.59
CA ASP B 167 -6.72 4.34 -7.72
C ASP B 167 -7.72 3.89 -6.63
N ARG B 168 -7.95 4.74 -5.61
CA ARG B 168 -8.71 4.40 -4.37
C ARG B 168 -10.19 4.25 -4.73
N LYS B 169 -10.84 5.36 -5.10
CA LYS B 169 -12.24 5.33 -5.58
C LYS B 169 -12.45 4.02 -6.34
N LYS B 170 -11.52 3.65 -7.22
CA LYS B 170 -11.72 2.46 -8.10
C LYS B 170 -11.76 1.18 -7.27
N ILE B 171 -10.77 0.96 -6.39
CA ILE B 171 -10.65 -0.23 -5.48
C ILE B 171 -11.92 -0.36 -4.63
N VAL B 172 -12.29 0.74 -3.95
CA VAL B 172 -13.47 0.93 -3.06
C VAL B 172 -14.74 0.65 -3.86
N GLU B 173 -14.71 0.89 -5.17
CA GLU B 173 -15.86 0.61 -6.06
C GLU B 173 -15.86 -0.86 -6.43
N ALA B 174 -14.70 -1.49 -6.66
CA ALA B 174 -14.59 -2.90 -7.13
C ALA B 174 -14.87 -3.93 -6.00
N TRP B 175 -15.05 -3.50 -4.75
CA TRP B 175 -15.33 -4.42 -3.61
C TRP B 175 -16.75 -4.94 -3.72
N PRO B 176 -17.05 -6.10 -3.08
CA PRO B 176 -18.36 -6.74 -3.22
C PRO B 176 -19.51 -5.76 -2.87
N ALA B 177 -20.65 -5.98 -3.50
CA ALA B 177 -21.85 -5.13 -3.41
C ALA B 177 -22.31 -5.02 -1.95
N GLY B 178 -22.97 -3.91 -1.60
CA GLY B 178 -23.55 -3.67 -0.27
C GLY B 178 -22.70 -2.75 0.58
N LEU B 179 -22.85 -2.83 1.89
CA LEU B 179 -22.23 -1.89 2.86
C LEU B 179 -20.81 -2.38 3.22
N ILE B 180 -19.82 -1.57 2.86
CA ILE B 180 -18.39 -1.66 3.26
C ILE B 180 -18.21 -0.79 4.50
N VAL B 181 -17.65 -1.35 5.59
CA VAL B 181 -17.05 -0.54 6.68
C VAL B 181 -15.54 -0.82 6.72
N LEU B 182 -14.72 0.24 6.57
CA LEU B 182 -13.25 0.24 6.77
C LEU B 182 -13.03 0.21 8.27
N SER B 183 -12.10 -0.61 8.76
CA SER B 183 -11.65 -0.71 10.17
C SER B 183 -10.12 -0.80 10.22
N GLY B 184 -9.48 -0.20 11.20
CA GLY B 184 -8.04 -0.18 11.39
C GLY B 184 -7.64 0.94 12.34
N GLN B 185 -6.43 0.94 12.89
CA GLN B 185 -5.99 1.95 13.90
C GLN B 185 -5.59 3.27 13.24
N SER B 186 -5.29 4.27 14.09
CA SER B 186 -4.80 5.63 13.75
C SER B 186 -3.70 5.57 12.68
N GLY B 187 -3.85 6.35 11.61
CA GLY B 187 -2.81 6.66 10.59
C GLY B 187 -2.42 5.45 9.75
N VAL B 188 -3.28 5.06 8.82
CA VAL B 188 -3.15 3.80 8.02
C VAL B 188 -3.66 4.04 6.58
N GLY B 189 -4.44 5.09 6.35
CA GLY B 189 -4.71 5.62 4.99
C GLY B 189 -6.18 5.56 4.62
N LYS B 190 -7.04 5.58 5.63
CA LYS B 190 -8.50 5.25 5.52
C LYS B 190 -9.26 6.46 5.00
N SER B 191 -8.99 7.63 5.61
CA SER B 191 -9.48 8.98 5.21
C SER B 191 -9.46 9.15 3.70
N THR B 192 -8.42 8.60 3.05
CA THR B 192 -8.10 8.76 1.61
C THR B 192 -9.15 8.01 0.78
N PHE B 193 -9.75 6.94 1.31
CA PHE B 193 -10.76 6.14 0.58
C PHE B 193 -12.12 6.84 0.62
N LEU B 194 -12.42 7.46 1.76
CA LEU B 194 -13.72 8.10 2.08
C LEU B 194 -13.90 9.44 1.34
N ASN B 195 -12.81 10.14 0.97
CA ASN B 195 -12.86 11.53 0.43
C ASN B 195 -13.43 11.53 -0.99
N HIS B 196 -13.47 10.37 -1.66
CA HIS B 196 -14.18 10.21 -2.96
C HIS B 196 -15.69 10.02 -2.74
N TYR B 197 -16.20 10.09 -1.49
CA TYR B 197 -17.63 9.79 -1.15
C TYR B 197 -18.27 10.97 -0.39
N ARG B 198 -17.68 11.46 0.70
CA ARG B 198 -18.21 12.60 1.48
C ARG B 198 -18.44 13.80 0.55
N HIS B 221 -23.48 10.72 14.87
CA HIS B 221 -22.57 9.54 14.98
C HIS B 221 -21.94 9.21 13.63
N VAL B 222 -22.61 8.38 12.81
CA VAL B 222 -22.03 7.81 11.55
C VAL B 222 -23.03 8.01 10.39
N GLU B 223 -22.51 8.05 9.17
CA GLU B 223 -23.31 8.21 7.94
C GLU B 223 -22.81 7.21 6.90
N LEU B 224 -23.70 6.68 6.06
CA LEU B 224 -23.31 5.87 4.88
C LEU B 224 -23.28 6.79 3.66
N PHE B 225 -22.29 6.60 2.80
CA PHE B 225 -22.16 7.30 1.51
C PHE B 225 -22.41 6.28 0.41
N GLU B 226 -23.13 6.74 -0.60
CA GLU B 226 -23.50 5.95 -1.78
C GLU B 226 -22.21 5.64 -2.53
N ARG B 227 -22.14 4.44 -3.11
CA ARG B 227 -21.21 4.08 -4.18
C ARG B 227 -22.02 3.27 -5.18
N GLN B 228 -21.47 3.05 -6.39
CA GLN B 228 -22.03 2.05 -7.32
C GLN B 228 -22.03 0.74 -6.54
N ASN B 229 -23.13 0.02 -6.56
CA ASN B 229 -23.19 -1.34 -5.96
C ASN B 229 -23.36 -1.25 -4.45
N GLY B 230 -23.52 -0.09 -3.84
CA GLY B 230 -23.84 -0.10 -2.40
C GLY B 230 -23.48 1.16 -1.66
N TYR B 231 -22.78 0.98 -0.55
CA TYR B 231 -22.47 2.05 0.43
C TYR B 231 -21.10 1.79 1.06
N ILE B 232 -20.56 2.86 1.65
CA ILE B 232 -19.30 2.81 2.43
C ILE B 232 -19.45 3.69 3.65
N ALA B 233 -18.73 3.32 4.71
CA ALA B 233 -18.67 4.06 5.99
C ALA B 233 -17.29 3.85 6.64
N ASP B 234 -16.99 4.70 7.63
CA ASP B 234 -15.74 4.75 8.41
C ASP B 234 -15.99 4.15 9.80
N THR B 235 -14.92 3.87 10.55
CA THR B 235 -14.94 3.34 11.94
C THR B 235 -13.50 3.35 12.42
N PRO B 236 -13.24 3.63 13.73
CA PRO B 236 -11.88 3.81 14.25
C PRO B 236 -11.08 2.55 14.67
N GLY B 237 -11.39 1.38 14.11
CA GLY B 237 -10.77 0.10 14.50
C GLY B 237 -11.42 -0.48 15.75
N PHE B 238 -11.03 -1.69 16.10
CA PHE B 238 -11.50 -2.45 17.29
C PHE B 238 -10.58 -2.18 18.48
N SER B 239 -10.89 -2.76 19.65
CA SER B 239 -10.14 -2.62 20.93
C SER B 239 -10.74 -3.55 22.00
N ALA B 240 -11.46 -2.94 22.95
CA ALA B 240 -12.10 -3.62 24.05
C ALA B 240 -13.29 -4.39 23.55
N LEU B 241 -13.12 -5.02 22.41
CA LEU B 241 -14.17 -5.83 21.85
C LEU B 241 -13.76 -7.29 21.90
N ASP B 242 -12.56 -7.56 22.41
CA ASP B 242 -12.08 -8.93 22.53
C ASP B 242 -12.56 -9.42 23.88
N PHE B 243 -12.04 -8.79 24.93
CA PHE B 243 -12.44 -9.09 26.29
C PHE B 243 -13.65 -8.22 26.45
N ASP B 244 -14.57 -8.46 25.56
CA ASP B 244 -15.72 -7.67 25.60
C ASP B 244 -16.90 -8.56 25.48
N HIS B 245 -16.82 -9.57 24.64
CA HIS B 245 -17.97 -10.46 24.46
C HIS B 245 -17.51 -11.80 23.93
N ILE B 246 -16.23 -12.10 24.12
CA ILE B 246 -15.74 -13.34 23.62
C ILE B 246 -15.28 -14.27 24.71
N ASP B 247 -15.76 -15.50 24.70
CA ASP B 247 -15.30 -16.54 25.65
C ASP B 247 -14.17 -17.34 25.02
N LYS B 248 -13.26 -17.84 25.86
CA LYS B 248 -12.09 -18.69 25.49
C LYS B 248 -12.50 -19.75 24.46
N ASP B 249 -13.71 -20.30 24.57
CA ASP B 249 -14.15 -21.46 23.75
C ASP B 249 -14.55 -21.01 22.35
N GLU B 250 -14.88 -19.73 22.15
CA GLU B 250 -15.29 -19.18 20.82
C GLU B 250 -14.07 -18.89 19.94
N ILE B 251 -12.91 -18.61 20.52
CA ILE B 251 -11.72 -18.06 19.79
C ILE B 251 -11.39 -18.96 18.60
N LYS B 252 -11.45 -20.28 18.78
CA LYS B 252 -11.10 -21.25 17.71
C LYS B 252 -12.11 -21.19 16.56
N ASP B 253 -13.34 -20.76 16.79
CA ASP B 253 -14.33 -20.58 15.69
C ASP B 253 -13.82 -19.51 14.70
N TYR B 254 -13.14 -18.48 15.22
CA TYR B 254 -12.77 -17.25 14.45
C TYR B 254 -11.35 -17.29 13.86
N PHE B 255 -10.61 -18.40 14.01
CA PHE B 255 -9.43 -18.81 13.20
C PHE B 255 -9.93 -19.79 12.15
N LEU B 256 -10.24 -19.30 10.95
CA LEU B 256 -11.18 -19.99 10.03
C LEU B 256 -10.63 -21.38 9.65
N GLU B 257 -9.31 -21.53 9.61
CA GLU B 257 -8.65 -22.81 9.27
C GLU B 257 -8.64 -23.75 10.50
N LEU B 258 -8.52 -23.21 11.72
CA LEU B 258 -8.70 -23.99 12.99
C LEU B 258 -10.15 -24.48 13.07
N ASN B 259 -11.11 -23.60 12.77
CA ASN B 259 -12.53 -23.95 12.68
C ASN B 259 -12.68 -25.18 11.80
N ARG B 260 -12.24 -25.08 10.55
CA ARG B 260 -12.39 -26.15 9.54
C ARG B 260 -11.62 -27.41 9.98
N TYR B 261 -10.35 -27.31 10.37
CA TYR B 261 -9.56 -28.51 10.74
C TYR B 261 -10.04 -29.11 12.08
N GLY B 262 -10.64 -28.29 12.96
CA GLY B 262 -11.11 -28.70 14.28
C GLY B 262 -12.21 -29.75 14.20
N GLU B 263 -12.83 -29.90 13.02
CA GLU B 263 -14.02 -30.76 12.81
C GLU B 263 -13.70 -32.22 13.12
N THR B 264 -12.48 -32.69 12.85
CA THR B 264 -12.06 -34.11 13.03
C THR B 264 -11.05 -34.24 14.20
N CYS B 265 -11.07 -33.36 15.21
CA CYS B 265 -10.35 -33.56 16.49
C CYS B 265 -11.14 -34.61 17.33
N LYS B 266 -10.49 -35.61 17.88
CA LYS B 266 -11.16 -36.64 18.65
C LYS B 266 -11.88 -36.04 19.82
N PHE B 267 -11.18 -35.16 20.51
CA PHE B 267 -11.67 -34.49 21.70
C PHE B 267 -12.89 -33.60 21.45
N ARG B 268 -13.85 -33.71 22.36
CA ARG B 268 -15.06 -32.94 22.33
C ARG B 268 -14.68 -31.53 22.72
N ASN B 269 -15.19 -30.52 22.02
CA ASN B 269 -14.81 -29.14 22.28
C ASN B 269 -13.30 -28.94 22.29
N CYS B 270 -12.55 -29.69 21.49
CA CYS B 270 -11.11 -29.56 21.41
C CYS B 270 -10.56 -28.16 21.29
N ASN B 271 -9.74 -27.74 22.23
CA ASN B 271 -9.17 -26.36 22.20
C ASN B 271 -7.80 -26.40 21.52
N HIS B 272 -7.37 -27.58 21.09
CA HIS B 272 -6.10 -27.75 20.33
C HIS B 272 -4.89 -27.30 21.15
N ILE B 273 -4.94 -27.46 22.48
CA ILE B 273 -3.83 -27.09 23.34
C ILE B 273 -2.96 -28.32 23.60
N LYS B 274 -3.37 -29.14 24.56
CA LYS B 274 -2.64 -30.40 24.93
C LYS B 274 -3.54 -31.61 24.64
N GLU B 275 -4.76 -31.44 24.16
CA GLU B 275 -5.65 -32.57 23.81
C GLU B 275 -4.86 -33.53 22.94
N PRO B 276 -5.01 -34.87 23.08
CA PRO B 276 -4.45 -35.81 22.12
C PRO B 276 -5.36 -35.93 20.91
N ASN B 277 -4.86 -36.56 19.84
CA ASN B 277 -5.64 -36.85 18.62
C ASN B 277 -6.30 -35.54 18.18
N CYS B 278 -5.49 -34.47 18.14
CA CYS B 278 -5.87 -33.12 17.72
C CYS B 278 -5.53 -32.95 16.24
N ASN B 279 -6.52 -32.72 15.39
CA ASN B 279 -6.27 -32.49 13.94
C ASN B 279 -5.58 -31.13 13.70
N VAL B 280 -5.74 -30.14 14.58
CA VAL B 280 -5.09 -28.80 14.41
C VAL B 280 -3.56 -28.98 14.51
N LYS B 281 -3.10 -29.55 15.62
CA LYS B 281 -1.70 -30.01 15.86
C LYS B 281 -1.19 -30.84 14.68
N HIS B 282 -1.99 -31.74 14.12
CA HIS B 282 -1.55 -32.62 13.00
C HIS B 282 -1.39 -31.78 11.71
N GLN B 283 -2.44 -31.05 11.31
CA GLN B 283 -2.39 -30.17 10.09
C GLN B 283 -1.22 -29.19 10.18
N LEU B 284 -0.99 -28.63 11.38
CA LEU B 284 0.17 -27.77 11.69
C LEU B 284 1.47 -28.54 11.40
N GLU B 285 1.56 -29.80 11.84
CA GLU B 285 2.80 -30.63 11.73
C GLU B 285 3.14 -30.86 10.26
N ILE B 286 2.17 -30.84 9.36
CA ILE B 286 2.40 -31.11 7.92
C ILE B 286 2.25 -29.82 7.08
N GLY B 287 2.18 -28.64 7.73
CA GLY B 287 2.28 -27.31 7.08
C GLY B 287 0.98 -26.80 6.45
N ASN B 288 -0.18 -27.31 6.85
CA ASN B 288 -1.49 -26.81 6.35
C ASN B 288 -2.00 -25.68 7.25
N ILE B 289 -1.39 -25.52 8.41
CA ILE B 289 -1.64 -24.36 9.31
C ILE B 289 -0.29 -23.68 9.54
N ALA B 290 -0.25 -22.36 9.35
CA ALA B 290 0.94 -21.52 9.62
C ALA B 290 1.16 -21.46 11.13
N GLN B 291 2.39 -21.65 11.56
CA GLN B 291 2.81 -21.64 12.98
C GLN B 291 2.34 -20.33 13.63
N PHE B 292 2.56 -19.20 12.97
CA PHE B 292 2.20 -17.86 13.54
C PHE B 292 0.68 -17.77 13.85
N ARG B 293 -0.15 -18.47 13.09
CA ARG B 293 -1.62 -18.51 13.35
C ARG B 293 -1.89 -19.29 14.64
N TYR B 294 -1.32 -20.48 14.75
CA TYR B 294 -1.47 -21.32 15.96
C TYR B 294 -0.90 -20.57 17.15
N ASP B 295 0.25 -19.92 16.99
CA ASP B 295 0.88 -19.15 18.08
C ASP B 295 -0.09 -18.08 18.57
N HIS B 296 -0.70 -17.32 17.64
CA HIS B 296 -1.58 -16.18 17.97
C HIS B 296 -2.86 -16.74 18.62
N TYR B 297 -3.39 -17.84 18.11
CA TYR B 297 -4.53 -18.56 18.73
C TYR B 297 -4.21 -18.89 20.19
N LEU B 298 -3.03 -19.50 20.43
CA LEU B 298 -2.60 -19.94 21.79
C LEU B 298 -2.51 -18.71 22.70
N GLN B 299 -1.80 -17.64 22.28
CA GLN B 299 -1.66 -16.39 23.09
C GLN B 299 -3.05 -15.87 23.44
N LEU B 300 -3.97 -15.80 22.47
CA LEU B 300 -5.29 -15.16 22.69
C LEU B 300 -6.09 -16.00 23.68
N PHE B 301 -6.05 -17.32 23.49
CA PHE B 301 -6.73 -18.28 24.39
C PHE B 301 -6.25 -18.01 25.82
N ASN B 302 -4.92 -18.04 26.03
CA ASN B 302 -4.33 -17.88 27.39
C ASN B 302 -4.77 -16.51 27.92
N GLU B 303 -4.76 -15.48 27.08
CA GLU B 303 -5.15 -14.10 27.46
C GLU B 303 -6.63 -14.06 27.92
N ILE B 304 -7.55 -14.80 27.28
CA ILE B 304 -9.00 -14.81 27.65
C ILE B 304 -9.25 -15.77 28.84
N SER B 305 -8.30 -16.61 29.23
CA SER B 305 -8.32 -17.38 30.50
C SER B 305 -7.83 -16.46 31.64
N ASN B 306 -8.53 -15.34 31.88
CA ASN B 306 -8.24 -14.37 32.97
C ASN B 306 -9.50 -13.54 33.25
ZN ZN C . -5.33 20.22 -16.63
C1 EDO D . 12.31 -26.10 5.22
O1 EDO D . 13.16 -25.58 6.21
C2 EDO D . 13.15 -26.65 4.14
O2 EDO D . 14.50 -26.23 4.27
C1 EDO E . 3.20 -19.55 -5.25
O1 EDO E . 1.84 -19.33 -4.94
C2 EDO E . 4.09 -19.52 -4.05
O2 EDO E . 5.00 -18.41 -4.02
C1 EDO F . 24.43 17.65 -13.58
O1 EDO F . 24.88 17.08 -14.81
C2 EDO F . 24.50 19.15 -13.42
O2 EDO F . 23.66 19.94 -14.32
C1 EDO G . 35.88 10.33 0.46
O1 EDO G . 35.88 10.08 -0.95
C2 EDO G . 34.66 11.03 0.91
O2 EDO G . 34.28 10.79 2.24
C1 EDO H . 7.87 -14.41 -12.29
O1 EDO H . 9.19 -13.93 -12.35
C2 EDO H . 7.03 -13.90 -13.40
O2 EDO H . 5.65 -13.83 -13.07
C1 EDO I . 8.78 8.40 -33.08
O1 EDO I . 9.02 7.01 -33.24
C2 EDO I . 8.66 9.18 -34.35
O2 EDO I . 9.62 8.83 -35.33
C1 EDO J . 6.85 3.00 -35.11
O1 EDO J . 6.97 3.27 -36.48
C2 EDO J . 6.46 4.19 -34.30
O2 EDO J . 7.42 4.53 -33.33
P PO4 K . 31.16 10.32 -12.08
O1 PO4 K . 32.03 11.54 -11.78
O2 PO4 K . 31.65 9.12 -11.22
O3 PO4 K . 31.23 10.05 -13.55
O4 PO4 K . 29.73 10.64 -11.72
ZN ZN L . -7.97 -30.08 18.33
C1 EDO M . 14.98 -4.33 3.09
O1 EDO M . 15.58 -3.23 3.65
C2 EDO M . 15.60 -4.44 1.79
O2 EDO M . 17.03 -4.52 1.88
C1 EDO N . 0.11 -10.92 -2.76
O1 EDO N . -0.27 -12.17 -2.22
C2 EDO N . -0.61 -9.78 -2.16
O2 EDO N . 0.22 -8.66 -1.97
C1 EDO O . 4.72 -9.76 13.12
O1 EDO O . 3.85 -9.71 12.00
C2 EDO O . 4.01 -10.01 14.40
O2 EDO O . 3.94 -8.84 15.19
C1 EDO P . -26.64 15.56 0.70
O1 EDO P . -27.46 14.78 1.56
C2 EDO P . -25.19 15.22 0.77
O2 EDO P . -24.93 13.85 0.55
C1 EDO Q . -5.89 8.19 -6.81
O1 EDO Q . -6.95 7.25 -6.67
C2 EDO Q . -5.74 9.02 -5.59
O2 EDO Q . -6.44 8.48 -4.48
C1 EDO R . -20.54 7.61 17.03
O1 EDO R . -21.19 8.54 17.89
C2 EDO R . -19.16 7.24 17.47
O2 EDO R . -19.01 5.86 17.74
C1 EDO S . -6.77 -4.80 19.57
O1 EDO S . -8.18 -4.84 19.80
C2 EDO S . -6.11 -3.69 20.31
O2 EDO S . -4.71 -3.63 20.14
C1 EDO T . -2.21 -32.09 30.04
O1 EDO T . -3.11 -32.41 29.01
C2 EDO T . -1.77 -33.30 30.80
O2 EDO T . -1.22 -34.32 29.96
C1 EDO U . -19.13 9.21 7.74
O1 EDO U . -19.50 9.30 9.12
C2 EDO U . -18.14 8.13 7.37
O2 EDO U . -18.71 6.85 7.08
P PO4 V . -6.76 7.25 8.70
O1 PO4 V . -6.01 8.22 7.83
O2 PO4 V . -5.98 7.01 9.97
O3 PO4 V . -6.96 5.95 7.97
O4 PO4 V . -8.11 7.84 9.05
P PO4 W . 0.33 -37.86 31.25
O1 PO4 W . 1.49 -38.24 30.34
O2 PO4 W . -0.29 -36.52 30.77
O3 PO4 W . 0.82 -37.68 32.68
O4 PO4 W . -0.74 -38.98 31.18
#